data_9HIO
#
_entry.id   9HIO
#
loop_
_entity.id
_entity.type
_entity.pdbx_description
1 polymer 'RKEC1 DNA (27-MER)'
2 non-polymer L-DOPAMINE
#
_entity_poly.entity_id   1
_entity_poly.type   'polydeoxyribonucleotide'
_entity_poly.pdbx_seq_one_letter_code
;(DT)(DT)(DG)(DA)(DA)(DG)(DG)(DT)(DT)(DC)(DG)(DT)(DT)(DC)(DG)(DC)(DA)(DG)(DG)(DT)
(DG)(DT)(DG)(DG)(DA)(DG)(DT)
;
_entity_poly.pdbx_strand_id   A
#
loop_
_chem_comp.id
_chem_comp.type
_chem_comp.name
_chem_comp.formula
DA DNA linking 2'-DEOXYADENOSINE-5'-MONOPHOSPHATE 'C10 H14 N5 O6 P'
DC DNA linking 2'-DEOXYCYTIDINE-5'-MONOPHOSPHATE 'C9 H14 N3 O7 P'
DG DNA linking 2'-DEOXYGUANOSINE-5'-MONOPHOSPHATE 'C10 H14 N5 O7 P'
DT DNA linking THYMIDINE-5'-MONOPHOSPHATE 'C10 H15 N2 O8 P'
LDP non-polymer L-DOPAMINE 'C8 H11 N O2'
#
# COMPACT_ATOMS: atom_id res chain seq x y z
C7 LDP B . -0.71 1.22 -0.94
C1 LDP B . -0.58 0.14 0.11
C4 LDP B . -0.20 -1.82 2.06
C2 LDP B . -0.30 -1.18 -0.28
C6 LDP B . -0.66 0.48 1.46
C5 LDP B . -0.47 -0.51 2.44
C3 LDP B . -0.11 -2.17 0.69
O1 LDP B . 0.18 -3.44 0.29
O2 LDP B . -0.04 -2.74 3.04
C8 LDP B . 0.67 1.84 -1.16
N1 LDP B . 0.63 2.96 -2.17
H71 LDP B . -1.42 1.99 -0.61
H72 LDP B . -1.10 0.80 -1.89
H2 LDP B . -0.22 -1.42 -1.34
H6 LDP B . -0.84 1.52 1.76
H5 LDP B . -0.52 -0.25 3.49
HO1 LDP B . 0.31 -3.46 -0.70
HO2 LDP B . -0.10 -3.67 2.65
H81 LDP B . 1.35 1.07 -1.52
H82 LDP B . 1.05 2.21 -0.21
HN11 LDP B . 0.37 2.57 -3.11
HN12 LDP B . -0.10 3.66 -1.93
HN13 LDP B . 1.54 3.43 -2.25
C7 LDP B . -0.75 1.09 -0.64
C1 LDP B . -0.50 0.04 0.39
C4 LDP B . 0.03 -1.91 2.33
C2 LDP B . -0.17 -1.27 0.00
C6 LDP B . -0.51 0.39 1.75
C5 LDP B . -0.25 -0.58 2.71
C3 LDP B . 0.09 -2.25 0.96
O1 LDP B . 0.40 -3.51 0.54
O2 LDP B . 0.28 -2.79 3.33
C8 LDP B . 0.56 1.82 -0.90
N1 LDP B . 0.35 3.01 -1.79
H71 LDP B . -1.53 1.78 -0.29
H72 LDP B . -1.13 0.64 -1.57
H2 LDP B . -0.15 -1.50 -1.08
H6 LDP B . -0.74 1.40 2.06
H5 LDP B . -0.26 -0.33 3.76
HO1 LDP B . 0.38 -3.53 -0.45
HO2 LDP B . 0.17 -3.73 2.98
H81 LDP B . 1.27 1.14 -1.37
H82 LDP B . 0.99 2.15 0.06
HN11 LDP B . -0.33 3.69 -1.37
HN12 LDP B . 1.24 3.49 -1.98
HN13 LDP B . -0.04 2.70 -2.71
C7 LDP B . -0.81 1.37 -1.08
C1 LDP B . -0.68 0.25 -0.07
C4 LDP B . -0.23 -1.71 1.88
C2 LDP B . -0.32 -1.05 -0.46
C6 LDP B . -0.82 0.57 1.30
C5 LDP B . -0.59 -0.42 2.27
C3 LDP B . -0.10 -2.03 0.50
O1 LDP B . 0.26 -3.30 0.09
O2 LDP B . 0.01 -2.60 2.87
C8 LDP B . 0.54 2.13 -1.12
N1 LDP B . 0.55 3.32 -2.03
H71 LDP B . -1.62 2.05 -0.81
H72 LDP B . -1.03 0.97 -2.07
H2 LDP B . -0.19 -1.27 -1.52
H6 LDP B . -1.09 1.58 1.60
H5 LDP B . -0.70 -0.18 3.32
HO1 LDP B . 0.34 -3.29 -0.90
HO2 LDP B . -0.01 -3.53 2.50
H81 LDP B . 1.31 1.43 -1.45
H82 LDP B . 0.80 2.44 -0.10
HN11 LDP B . 1.50 3.72 -2.08
HN12 LDP B . 0.25 3.07 -3.00
HN13 LDP B . -0.08 4.11 -1.71
C7 LDP B . -0.45 0.98 -0.67
C1 LDP B . -0.21 -0.08 0.37
C4 LDP B . 0.28 -2.04 2.29
C2 LDP B . 0.02 -1.40 -0.03
C6 LDP B . -0.19 0.26 1.73
C5 LDP B . 0.07 -0.72 2.69
C3 LDP B . 0.24 -2.40 0.92
O1 LDP B . 0.45 -3.68 0.50
O2 LDP B . 0.51 -2.95 3.28
C8 LDP B . 0.88 1.70 -0.96
N1 LDP B . 0.74 2.78 -2.00
H71 LDP B . -1.19 1.70 -0.31
H72 LDP B . -0.85 0.55 -1.60
H2 LDP B . 0.01 -1.64 -1.09
H6 LDP B . -0.36 1.29 2.04
H5 LDP B . 0.09 -0.46 3.74
HO1 LDP B . 0.38 -3.70 -0.49
HO2 LDP B . 0.17 -3.85 2.97
H81 LDP B . 1.61 0.96 -1.31
H82 LDP B . 1.26 2.13 -0.03
HN11 LDP B . 0.48 2.37 -2.92
HN12 LDP B . -0.03 3.45 -1.74
HN13 LDP B . 1.62 3.30 -2.08
C7 LDP B . -0.72 1.56 -0.87
C1 LDP B . -0.62 0.47 0.16
C4 LDP B . -0.31 -1.55 2.06
C2 LDP B . -0.36 -0.85 -0.27
C6 LDP B . -0.71 0.78 1.52
C5 LDP B . -0.57 -0.24 2.47
C3 LDP B . -0.21 -1.87 0.69
O1 LDP B . 0.04 -3.15 0.26
O2 LDP B . -0.19 -2.47 3.05
C8 LDP B . 0.68 2.16 -1.08
N1 LDP B . 0.65 3.30 -2.05
H71 LDP B . -1.42 2.34 -0.51
H72 LDP B . -1.13 1.19 -1.80
H2 LDP B . -0.28 -1.05 -1.33
H6 LDP B . -0.90 1.80 1.85
H5 LDP B . -0.64 -0.01 3.54
HO1 LDP B . 0.05 -3.18 -0.73
HO2 LDP B . -0.21 -3.40 2.67
H81 LDP B . 1.34 1.38 -1.46
H82 LDP B . 1.08 2.49 -0.11
HN11 LDP B . 0.38 2.94 -3.00
HN12 LDP B . -0.08 4.01 -1.80
HN13 LDP B . 1.57 3.77 -2.13
C7 LDP B . -0.93 1.01 -0.79
C1 LDP B . -0.66 -0.09 0.22
C4 LDP B . -0.07 -2.06 2.10
C2 LDP B . -0.40 -1.40 -0.22
C6 LDP B . -0.60 0.24 1.57
C5 LDP B . -0.31 -0.74 2.52
C3 LDP B . -0.10 -2.40 0.73
O1 LDP B . 0.18 -3.67 0.29
O2 LDP B . 0.21 -2.97 3.07
C8 LDP B . 0.39 1.76 -1.01
N1 LDP B . 0.25 2.97 -1.89
H71 LDP B . -1.69 1.68 -0.42
H72 LDP B . -1.28 0.59 -1.75
H2 LDP B . -0.40 -1.62 -1.28
H6 LDP B . -0.76 1.26 1.90
H5 LDP B . -0.26 -0.49 3.57
HO1 LDP B . 0.27 -3.64 -0.71
HO2 LDP B . 0.12 -3.90 2.71
H81 LDP B . 1.11 1.07 -1.47
H82 LDP B . 0.82 2.05 -0.04
HN11 LDP B . 1.15 3.48 -1.94
HN12 LDP B . 0.05 2.64 -2.87
HN13 LDP B . -0.52 3.62 -1.63
C7 LDP B . -0.32 0.70 -1.36
C1 LDP B . -0.34 -0.37 -0.31
C4 LDP B . -0.24 -2.35 1.66
C2 LDP B . -0.09 -1.70 -0.68
C6 LDP B . -0.52 -0.03 1.04
C5 LDP B . -0.47 -1.03 2.02
C3 LDP B . -0.05 -2.70 0.30
O1 LDP B . 0.18 -3.99 -0.11
O2 LDP B . -0.20 -3.26 2.67
C8 LDP B . 1.12 1.19 -1.49
N1 LDP B . 1.19 2.44 -2.35
H71 LDP B . -0.99 1.53 -1.07
H72 LDP B . -0.69 0.32 -2.31
H2 LDP B . 0.08 -1.92 -1.74
H6 LDP B . -0.70 1.01 1.33
H5 LDP B . -0.63 -0.78 3.07
HO1 LDP B . 0.28 -3.98 -1.10
HO2 LDP B . 0.03 -4.17 2.30
H81 LDP B . 1.75 0.41 -1.93
H82 LDP B . 1.52 1.44 -0.50
HN11 LDP B . 0.61 3.18 -1.90
HN12 LDP B . 2.17 2.78 -2.40
HN13 LDP B . 0.85 2.24 -3.31
C7 LDP B . -0.72 0.90 -1.12
C1 LDP B . -0.68 -0.17 -0.06
C4 LDP B . -0.23 -2.05 1.97
C2 LDP B . -0.32 -1.48 -0.40
C6 LDP B . -0.80 0.20 1.29
C5 LDP B . -0.58 -0.74 2.30
C3 LDP B . -0.12 -2.44 0.60
O1 LDP B . 0.24 -3.71 0.24
O2 LDP B . 0.00 -2.91 2.99
C8 LDP B . 0.70 1.45 -1.19
N1 LDP B . 0.88 2.56 -2.18
H71 LDP B . -1.44 1.68 -0.87
H72 LDP B . -1.01 0.46 -2.09
H2 LDP B . -0.18 -1.74 -1.45
H6 LDP B . -1.04 1.24 1.55
H5 LDP B . -0.67 -0.46 3.35
HO1 LDP B . 0.27 -3.74 -0.76
HO2 LDP B . -0.11 -3.86 2.67
H81 LDP B . 1.37 0.63 -1.48
H82 LDP B . 1.00 1.79 -0.20
HN11 LDP B . 0.60 2.25 -3.13
HN12 LDP B . 0.30 3.39 -1.89
HN13 LDP B . 1.87 2.85 -2.19
C7 LDP B . -0.31 1.27 -1.22
C1 LDP B . -0.34 0.23 -0.15
C4 LDP B . -0.16 -1.65 1.90
C2 LDP B . 0.02 -1.10 -0.46
C6 LDP B . -0.61 0.61 1.17
C5 LDP B . -0.51 -0.34 2.20
C3 LDP B . 0.11 -2.06 0.57
O1 LDP B . 0.46 -3.35 0.27
O2 LDP B . -0.08 -2.53 2.92
C8 LDP B . 1.08 1.89 -1.19
N1 LDP B . 1.22 2.98 -2.23
H71 LDP B . -1.08 2.03 -1.04
H72 LDP B . -0.51 0.82 -2.20
H2 LDP B . 0.26 -1.36 -1.49
H6 LDP B . -0.86 1.64 1.41
H5 LDP B . -0.71 -0.05 3.23
HO1 LDP B . 0.60 -3.42 -0.71
HO2 LDP B . 0.25 -3.39 2.55
H81 LDP B . 1.83 1.13 -1.39
H82 LDP B . 1.29 2.30 -0.20
HN11 LDP B . 0.52 3.74 -2.07
HN12 LDP B . 2.17 3.38 -2.21
HN13 LDP B . 1.04 2.59 -3.18
C7 LDP B . -0.80 0.99 -0.86
C1 LDP B . -0.51 0.00 0.23
C4 LDP B . 0.05 -1.82 2.28
C2 LDP B . -0.10 -1.30 -0.10
C6 LDP B . -0.61 0.40 1.57
C5 LDP B . -0.32 -0.51 2.60
C3 LDP B . 0.17 -2.23 0.92
O1 LDP B . 0.55 -3.49 0.56
O2 LDP B . 0.31 -2.63 3.33
C8 LDP B . 0.47 1.79 -1.12
N1 LDP B . 0.21 2.93 -2.07
H71 LDP B . -1.60 1.67 -0.54
H72 LDP B . -1.13 0.50 -1.77
H2 LDP B . -0.01 -1.57 -1.15
H6 LDP B . -0.90 1.42 1.82
H5 LDP B . -0.40 -0.20 3.63
HO1 LDP B . 0.59 -3.52 -0.42
HO2 LDP B . 0.40 -3.59 3.03
H81 LDP B . 1.25 1.14 -1.54
H82 LDP B . 0.85 2.19 -0.17
HN11 LDP B . 0.03 2.58 -3.03
HN12 LDP B . -0.64 3.46 -1.76
HN13 LDP B . 1.02 3.56 -2.08
C7 LDP B . -0.84 0.65 -1.19
C1 LDP B . -0.65 -0.44 -0.17
C4 LDP B . -0.05 -2.37 1.76
C2 LDP B . -0.29 -1.73 -0.57
C6 LDP B . -0.73 -0.11 1.20
C5 LDP B . -0.43 -1.08 2.15
C3 LDP B . -0.01 -2.71 0.39
O1 LDP B . 0.37 -3.96 -0.04
O2 LDP B . 0.27 -3.25 2.74
C8 LDP B . 0.48 1.40 -1.30
N1 LDP B . 0.44 2.57 -2.25
H71 LDP B . -1.65 1.31 -0.90
H72 LDP B . -1.11 0.21 -2.17
H2 LDP B . -0.20 -1.95 -1.64
H6 LDP B . -0.99 0.89 1.51
H5 LDP B . -0.48 -0.84 3.22
HO1 LDP B . 0.39 -3.95 -1.03
HO2 LDP B . 0.04 -4.17 2.41
H81 LDP B . 1.26 0.72 -1.63
H82 LDP B . 0.75 1.77 -0.31
HN11 LDP B . 0.27 2.22 -3.22
HN12 LDP B . -0.35 3.22 -2.01
HN13 LDP B . 1.33 3.07 -2.23
C7 LDP B . -0.87 0.77 -1.21
C1 LDP B . -0.66 -0.26 -0.15
C4 LDP B . -0.05 -2.12 1.86
C2 LDP B . -0.28 -1.57 -0.50
C6 LDP B . -0.72 0.11 1.21
C5 LDP B . -0.42 -0.82 2.21
C3 LDP B . 0.01 -2.51 0.50
O1 LDP B . 0.37 -3.78 0.13
O2 LDP B . 0.27 -2.95 2.89
C8 LDP B . 0.49 1.44 -1.40
N1 LDP B . 0.49 2.57 -2.39
H71 LDP B . -1.63 1.49 -0.90
H72 LDP B . -1.21 0.31 -2.15
H2 LDP B . -0.20 -1.82 -1.56
H6 LDP B . -1.01 1.13 1.49
H5 LDP B . -0.47 -0.54 3.26
HO1 LDP B . 0.40 -3.80 -0.86
HO2 LDP B . 0.22 -3.92 2.60
H81 LDP B . 1.21 0.70 -1.72
H82 LDP B . 0.82 1.83 -0.43
HN11 LDP B . 1.44 2.98 -2.44
HN12 LDP B . 0.22 2.20 -3.33
HN13 LDP B . -0.18 3.33 -2.13
C7 LDP B . -0.64 0.91 -1.17
C1 LDP B . -0.60 -0.17 -0.12
C4 LDP B . -0.22 -2.08 1.87
C2 LDP B . -0.21 -1.47 -0.47
C6 LDP B . -0.80 0.17 1.22
C5 LDP B . -0.61 -0.79 2.21
C3 LDP B . -0.02 -2.45 0.52
O1 LDP B . 0.39 -3.70 0.14
O2 LDP B . 0.00 -2.95 2.89
C8 LDP B . 0.76 1.55 -1.16
N1 LDP B . 0.90 2.70 -2.12
H71 LDP B . -1.41 1.66 -0.94
H72 LDP B . -0.86 0.49 -2.16
H2 LDP B . -0.03 -1.71 -1.52
H6 LDP B . -1.07 1.20 1.49
H5 LDP B . -0.77 -0.54 3.25
HO1 LDP B . 0.52 -3.72 -0.84
HO2 LDP B . 0.09 -3.88 2.54
H81 LDP B . 1.49 0.78 -1.42
H82 LDP B . 0.98 1.90 -0.16
HN11 LDP B . 1.87 3.04 -2.14
HN12 LDP B . 0.67 2.40 -3.10
HN13 LDP B . 0.28 3.50 -1.87
C7 LDP B . -0.73 0.80 -0.55
C1 LDP B . -0.58 -0.33 0.42
C4 LDP B . -0.07 -2.35 2.26
C2 LDP B . -0.25 -1.60 -0.05
C6 LDP B . -0.65 -0.05 1.80
C5 LDP B . -0.39 -1.08 2.72
C3 LDP B . 0.00 -2.64 0.88
O1 LDP B . 0.33 -3.88 0.40
O2 LDP B . 0.19 -3.30 3.20
C8 LDP B . 0.64 1.46 -0.64
N1 LDP B . 0.63 2.65 -1.57
H71 LDP B . -1.49 1.51 -0.21
H72 LDP B . -1.05 0.43 -1.53
H2 LDP B . -0.16 -1.78 -1.12
H6 LDP B . -0.88 0.95 2.16
H5 LDP B . -0.43 -0.88 3.78
HO1 LDP B . 0.29 -3.86 -0.59
HO2 LDP B . -0.14 -4.19 2.85
H81 LDP B . 1.37 0.73 -1.01
H82 LDP B . 0.97 1.78 0.35
HN11 LDP B . 1.58 3.06 -1.63
HN12 LDP B . 0.34 2.34 -2.52
HN13 LDP B . -0.05 3.39 -1.25
C7 LDP B . -0.65 1.47 -0.86
C1 LDP B . -0.57 0.36 0.15
C4 LDP B . -0.16 -1.65 2.05
C2 LDP B . -0.26 -0.94 -0.27
C6 LDP B . -0.70 0.66 1.51
C5 LDP B . -0.49 -0.36 2.46
C3 LDP B . -0.05 -1.96 0.67
O1 LDP B . 0.27 -3.22 0.23
O2 LDP B . 0.06 -2.56 3.03
C8 LDP B . 0.74 2.10 -0.93
N1 LDP B . 0.83 3.23 -1.92
H71 LDP B . -1.40 2.22 -0.57
H72 LDP B . -0.93 1.07 -1.85
H2 LDP B . -0.13 -1.13 -1.33
H6 LDP B . -0.93 1.66 1.84
H5 LDP B . -0.57 -0.16 3.52
HO1 LDP B . 0.27 -3.20 -0.77
HO2 LDP B . -0.08 -3.49 2.66
H81 LDP B . 1.46 1.32 -1.22
H82 LDP B . 1.03 2.47 0.06
HN11 LDP B . 0.53 2.90 -2.86
HN12 LDP B . 0.24 4.03 -1.64
HN13 LDP B . 1.80 3.55 -2.01
#